data_9HGD
#
_entry.id   9HGD
#
_cell.length_a   108.630
_cell.length_b   43.790
_cell.length_c   67.520
_cell.angle_alpha   90.000
_cell.angle_beta   128.378
_cell.angle_gamma   90.000
#
_symmetry.space_group_name_H-M   'C 1 2 1'
#
loop_
_entity.id
_entity.type
_entity.pdbx_description
1 polymer 'Gamma-aminobutyric acid receptor-associated protein'
2 polymer GAB_D23
3 non-polymer 'CHLORIDE ION'
4 non-polymer 'TRIETHYLENE GLYCOL'
5 non-polymer '2-(N-MORPHOLINO)-ETHANESULFONIC ACID'
6 non-polymer 2-AMINO-2-HYDROXYMETHYL-PROPANE-1,3-DIOL
7 water water
#
loop_
_entity_poly.entity_id
_entity_poly.type
_entity_poly.pdbx_seq_one_letter_code
_entity_poly.pdbx_strand_id
1 'polypeptide(L)'
;GSMKFVYKEEHPFEKRRSEGEKIRKKYPDRVPVIVEKAPKARIGDLDKKKYLVPSDLTVGQFYFLIRKRIHLRAEDALFF
FVNNVIPPTSATMGQLYQEHHEEDFFLYIAYSDESVYGL
;
A,C
2 'polypeptide(L)' LEDGWVDIETGKE B,D
#
# COMPACT_ATOMS: atom_id res chain seq x y z
N GLY A 1 0.76 -17.73 -3.66
CA GLY A 1 0.42 -18.26 -2.35
C GLY A 1 1.66 -18.48 -1.50
N SER A 2 2.81 -18.46 -2.15
CA SER A 2 4.11 -18.55 -1.51
C SER A 2 5.14 -17.93 -2.44
N MET A 3 6.20 -17.37 -1.87
CA MET A 3 7.18 -16.66 -2.67
C MET A 3 7.89 -17.62 -3.61
N LYS A 4 8.15 -17.16 -4.83
CA LYS A 4 8.95 -17.89 -5.82
C LYS A 4 9.90 -16.91 -6.48
N PHE A 5 11.19 -17.24 -6.50
CA PHE A 5 12.21 -16.37 -7.06
C PHE A 5 12.97 -17.12 -8.15
N VAL A 6 12.76 -16.68 -9.39
CA VAL A 6 13.49 -17.22 -10.54
C VAL A 6 14.98 -17.14 -10.32
N TYR A 7 15.45 -16.10 -9.64
CA TYR A 7 16.88 -15.92 -9.39
C TYR A 7 17.49 -17.15 -8.71
N LYS A 8 16.77 -17.75 -7.77
CA LYS A 8 17.33 -18.90 -7.06
C LYS A 8 17.44 -20.12 -7.95
N GLU A 9 16.56 -20.25 -8.95
CA GLU A 9 16.65 -21.36 -9.88
C GLU A 9 17.81 -21.15 -10.84
N GLU A 10 18.00 -19.89 -11.25
N GLU A 10 18.04 -19.90 -11.25
CA GLU A 10 19.04 -19.55 -12.22
CA GLU A 10 19.06 -19.63 -12.26
C GLU A 10 20.44 -19.70 -11.65
C GLU A 10 20.47 -19.58 -11.67
N HIS A 11 20.60 -19.49 -10.36
CA HIS A 11 21.91 -19.49 -9.69
C HIS A 11 21.87 -20.52 -8.57
N PRO A 12 22.56 -21.66 -8.69
CA PRO A 12 22.50 -22.67 -7.63
C PRO A 12 23.02 -22.15 -6.29
N PHE A 13 22.52 -22.75 -5.21
CA PHE A 13 22.68 -22.19 -3.87
C PHE A 13 24.14 -21.93 -3.53
N GLU A 14 25.00 -22.90 -3.82
CA GLU A 14 26.40 -22.75 -3.42
C GLU A 14 27.05 -21.56 -4.11
N LYS A 15 26.66 -21.29 -5.36
CA LYS A 15 27.18 -20.11 -6.04
C LYS A 15 26.62 -18.85 -5.42
N ARG A 16 25.33 -18.84 -5.11
CA ARG A 16 24.73 -17.67 -4.49
C ARG A 16 25.41 -17.35 -3.16
N ARG A 17 25.63 -18.38 -2.34
CA ARG A 17 26.17 -18.16 -1.00
C ARG A 17 27.59 -17.63 -1.08
N SER A 18 28.39 -18.18 -2.00
N SER A 18 28.39 -18.17 -2.00
CA SER A 18 29.75 -17.66 -2.17
CA SER A 18 29.76 -17.67 -2.18
C SER A 18 29.72 -16.19 -2.54
C SER A 18 29.74 -16.20 -2.57
N GLU A 19 28.84 -15.81 -3.46
CA GLU A 19 28.73 -14.40 -3.84
C GLU A 19 28.22 -13.56 -2.68
N GLY A 20 27.25 -14.08 -1.92
CA GLY A 20 26.76 -13.34 -0.76
C GLY A 20 27.85 -13.11 0.27
N GLU A 21 28.66 -14.13 0.56
N GLU A 21 28.70 -14.11 0.51
CA GLU A 21 29.80 -13.96 1.44
CA GLU A 21 29.79 -13.98 1.46
C GLU A 21 30.65 -12.78 0.98
C GLU A 21 30.77 -12.89 1.02
N LYS A 22 31.04 -12.81 -0.29
CA LYS A 22 31.97 -11.82 -0.80
C LYS A 22 31.36 -10.42 -0.74
N ILE A 23 30.10 -10.29 -1.17
CA ILE A 23 29.50 -8.96 -1.29
C ILE A 23 29.21 -8.35 0.08
N ARG A 24 28.93 -9.18 1.10
CA ARG A 24 28.78 -8.67 2.45
C ARG A 24 30.09 -8.17 3.04
N LYS A 25 31.22 -8.77 2.65
CA LYS A 25 32.51 -8.29 3.15
C LYS A 25 32.98 -7.07 2.38
N LYS A 26 32.68 -6.98 1.09
CA LYS A 26 33.11 -5.83 0.28
C LYS A 26 32.32 -4.58 0.62
N TYR A 27 31.01 -4.72 0.85
CA TYR A 27 30.10 -3.60 1.04
C TYR A 27 29.35 -3.82 2.34
N PRO A 28 30.04 -3.66 3.47
CA PRO A 28 29.44 -4.12 4.75
C PRO A 28 28.33 -3.23 5.28
N ASP A 29 28.25 -1.98 4.86
CA ASP A 29 27.15 -1.09 5.23
C ASP A 29 25.98 -1.18 4.26
N ARG A 30 26.03 -2.11 3.32
CA ARG A 30 24.95 -2.29 2.37
C ARG A 30 24.36 -3.68 2.51
N VAL A 31 23.07 -3.81 2.20
CA VAL A 31 22.47 -5.13 2.18
C VAL A 31 22.18 -5.53 0.74
N PRO A 32 22.50 -6.77 0.37
CA PRO A 32 22.30 -7.23 -1.01
C PRO A 32 20.89 -7.76 -1.16
N VAL A 33 20.13 -7.15 -2.07
CA VAL A 33 18.71 -7.43 -2.22
C VAL A 33 18.45 -7.91 -3.63
N ILE A 34 17.73 -9.03 -3.75
CA ILE A 34 17.29 -9.55 -5.03
C ILE A 34 15.82 -9.15 -5.15
N VAL A 35 15.47 -8.43 -6.22
CA VAL A 35 14.13 -7.87 -6.38
C VAL A 35 13.50 -8.46 -7.63
N GLU A 36 12.35 -9.11 -7.48
CA GLU A 36 11.64 -9.69 -8.61
C GLU A 36 10.16 -9.33 -8.55
N LYS A 37 9.54 -9.31 -9.72
CA LYS A 37 8.10 -9.12 -9.76
C LYS A 37 7.41 -10.38 -9.28
N ALA A 38 6.35 -10.21 -8.49
CA ALA A 38 5.56 -11.36 -8.08
C ALA A 38 4.87 -11.96 -9.30
N PRO A 39 4.70 -13.28 -9.34
CA PRO A 39 3.89 -13.86 -10.42
C PRO A 39 2.49 -13.29 -10.40
N LYS A 40 1.93 -13.11 -11.60
CA LYS A 40 0.60 -12.57 -11.87
C LYS A 40 0.54 -11.05 -11.79
N ALA A 41 1.64 -10.37 -11.51
CA ALA A 41 1.62 -8.92 -11.40
C ALA A 41 1.61 -8.30 -12.80
N ARG A 42 0.82 -7.24 -12.95
CA ARG A 42 0.70 -6.52 -14.22
C ARG A 42 1.58 -5.27 -14.21
N ILE A 43 2.89 -5.49 -14.03
CA ILE A 43 3.79 -4.37 -13.79
C ILE A 43 4.94 -4.32 -14.79
N GLY A 44 5.62 -5.45 -14.97
CA GLY A 44 6.79 -5.46 -15.83
C GLY A 44 8.07 -5.62 -15.02
N ASP A 45 8.97 -6.44 -15.54
CA ASP A 45 10.15 -6.85 -14.79
C ASP A 45 11.24 -5.80 -14.86
N LEU A 46 11.93 -5.61 -13.74
CA LEU A 46 13.10 -4.73 -13.71
C LEU A 46 14.14 -5.21 -14.70
N ASP A 47 14.92 -4.27 -15.23
CA ASP A 47 16.02 -4.67 -16.10
C ASP A 47 17.13 -5.35 -15.32
N LYS A 48 17.31 -5.00 -14.04
CA LYS A 48 18.27 -5.65 -13.18
C LYS A 48 17.65 -5.99 -11.84
N LYS A 49 18.08 -7.12 -11.28
CA LYS A 49 17.50 -7.65 -10.06
C LYS A 49 18.35 -7.44 -8.82
N LYS A 50 19.65 -7.14 -8.98
CA LYS A 50 20.62 -7.22 -7.89
C LYS A 50 20.96 -5.81 -7.41
N TYR A 51 20.50 -5.48 -6.20
CA TYR A 51 20.69 -4.14 -5.64
C TYR A 51 21.44 -4.17 -4.33
N LEU A 52 22.39 -3.24 -4.19
CA LEU A 52 23.03 -2.98 -2.92
C LEU A 52 22.38 -1.76 -2.27
N VAL A 53 21.92 -1.92 -1.02
CA VAL A 53 21.05 -0.95 -0.40
C VAL A 53 21.64 -0.49 0.93
N PRO A 54 21.99 0.78 1.10
CA PRO A 54 22.51 1.24 2.39
C PRO A 54 21.59 0.84 3.53
N SER A 55 22.18 0.28 4.59
N SER A 55 22.18 0.29 4.59
CA SER A 55 21.38 -0.34 5.64
CA SER A 55 21.40 -0.33 5.66
C SER A 55 20.51 0.66 6.39
C SER A 55 20.52 0.66 6.40
N ASP A 56 20.83 1.96 6.32
CA ASP A 56 20.05 2.98 7.03
C ASP A 56 18.81 3.42 6.27
N LEU A 57 18.66 3.05 5.00
CA LEU A 57 17.46 3.48 4.27
C LEU A 57 16.23 2.82 4.90
N THR A 58 15.13 3.56 4.93
CA THR A 58 13.90 2.92 5.40
C THR A 58 13.29 2.10 4.29
N VAL A 59 12.44 1.15 4.69
CA VAL A 59 11.68 0.37 3.74
C VAL A 59 10.93 1.28 2.79
N GLY A 60 10.31 2.33 3.32
CA GLY A 60 9.58 3.29 2.50
C GLY A 60 10.46 3.99 1.46
N GLN A 61 11.69 4.35 1.85
CA GLN A 61 12.63 4.90 0.87
C GLN A 61 12.96 3.88 -0.21
N PHE A 62 13.14 2.61 0.18
CA PHE A 62 13.41 1.56 -0.79
C PHE A 62 12.25 1.40 -1.76
N TYR A 63 11.02 1.47 -1.25
CA TYR A 63 9.83 1.39 -2.11
C TYR A 63 9.93 2.41 -3.23
N PHE A 64 10.23 3.67 -2.87
CA PHE A 64 10.28 4.74 -3.86
C PHE A 64 11.37 4.52 -4.89
N LEU A 65 12.56 4.09 -4.45
CA LEU A 65 13.65 3.91 -5.40
C LEU A 65 13.33 2.81 -6.41
N ILE A 66 12.73 1.70 -5.95
CA ILE A 66 12.33 0.65 -6.89
C ILE A 66 11.25 1.15 -7.83
N ARG A 67 10.31 1.95 -7.32
N ARG A 67 10.32 1.96 -7.32
CA ARG A 67 9.28 2.54 -8.18
CA ARG A 67 9.28 2.55 -8.16
C ARG A 67 9.90 3.34 -9.33
C ARG A 67 9.89 3.34 -9.32
N LYS A 68 10.97 4.09 -9.04
CA LYS A 68 11.59 4.89 -10.08
C LYS A 68 12.32 4.03 -11.11
N ARG A 69 12.74 2.82 -10.72
CA ARG A 69 13.41 1.95 -11.69
C ARG A 69 12.41 1.25 -12.60
N ILE A 70 11.20 1.00 -12.11
CA ILE A 70 10.14 0.47 -12.96
C ILE A 70 9.58 1.55 -13.89
N HIS A 71 9.93 2.81 -13.65
CA HIS A 71 9.31 3.94 -14.35
C HIS A 71 7.79 3.89 -14.15
N LEU A 72 7.39 3.50 -12.94
CA LEU A 72 5.99 3.23 -12.65
C LEU A 72 5.23 4.54 -12.47
N ARG A 73 4.08 4.64 -13.14
N ARG A 73 4.07 4.63 -13.12
CA ARG A 73 3.21 5.80 -12.99
CA ARG A 73 3.23 5.80 -13.01
C ARG A 73 2.83 5.99 -11.52
C ARG A 73 2.77 5.99 -11.56
N ALA A 74 2.74 7.25 -11.12
CA ALA A 74 2.45 7.55 -9.71
C ALA A 74 1.08 7.00 -9.29
N GLU A 75 0.13 6.89 -10.22
CA GLU A 75 -1.20 6.40 -9.89
C GLU A 75 -1.27 4.88 -9.80
N ASP A 76 -0.22 4.16 -10.19
N ASP A 76 -0.22 4.16 -10.18
CA ASP A 76 -0.21 2.70 -10.07
CA ASP A 76 -0.22 2.70 -10.09
C ASP A 76 0.35 2.33 -8.71
C ASP A 76 0.00 2.25 -8.65
N ALA A 77 -0.44 1.58 -7.93
N ALA A 77 -0.42 1.02 -8.37
CA ALA A 77 -0.01 1.16 -6.60
CA ALA A 77 -0.25 0.43 -7.05
C ALA A 77 1.05 0.07 -6.72
C ALA A 77 1.06 -0.35 -7.00
N LEU A 78 1.85 -0.08 -5.66
N LEU A 78 1.67 -0.37 -5.82
CA LEU A 78 2.93 -1.05 -5.64
CA LEU A 78 2.95 -1.06 -5.64
C LEU A 78 3.15 -1.55 -4.22
C LEU A 78 3.06 -1.55 -4.21
N PHE A 79 3.08 -2.88 -4.04
CA PHE A 79 3.27 -3.54 -2.75
C PHE A 79 4.47 -4.47 -2.81
N PHE A 80 5.11 -4.67 -1.67
CA PHE A 80 6.32 -5.48 -1.55
C PHE A 80 6.08 -6.59 -0.54
N PHE A 81 6.75 -7.72 -0.77
CA PHE A 81 6.56 -8.92 0.04
C PHE A 81 7.91 -9.55 0.32
N VAL A 82 8.12 -9.93 1.58
N VAL A 82 8.13 -9.91 1.58
CA VAL A 82 9.31 -10.65 1.98
CA VAL A 82 9.32 -10.64 2.03
C VAL A 82 8.88 -11.79 2.90
C VAL A 82 8.84 -11.80 2.88
N ASN A 83 9.27 -13.01 2.53
CA ASN A 83 8.85 -14.21 3.23
C ASN A 83 7.34 -14.20 3.48
N ASN A 84 6.58 -13.86 2.43
CA ASN A 84 5.12 -13.92 2.40
C ASN A 84 4.40 -12.83 3.19
N VAL A 85 5.11 -11.84 3.72
CA VAL A 85 4.46 -10.77 4.47
C VAL A 85 4.91 -9.43 3.93
N ILE A 86 4.05 -8.43 4.03
CA ILE A 86 4.45 -7.06 3.70
C ILE A 86 5.33 -6.53 4.83
N PRO A 87 6.51 -6.00 4.53
CA PRO A 87 7.43 -5.59 5.60
C PRO A 87 6.91 -4.38 6.35
N PRO A 88 7.45 -4.13 7.55
CA PRO A 88 7.07 -2.91 8.28
C PRO A 88 7.69 -1.69 7.64
N THR A 89 6.91 -0.60 7.60
CA THR A 89 7.37 0.62 6.97
C THR A 89 8.48 1.28 7.78
N SER A 90 8.38 1.23 9.11
CA SER A 90 9.37 1.93 9.93
C SER A 90 10.72 1.22 9.97
N ALA A 91 10.82 0.00 9.45
CA ALA A 91 12.10 -0.68 9.58
C ALA A 91 13.11 -0.04 8.63
N THR A 92 14.38 -0.12 9.01
CA THR A 92 15.41 0.10 8.03
C THR A 92 15.64 -1.17 7.22
N MET A 93 16.28 -1.02 6.07
CA MET A 93 16.62 -2.18 5.26
C MET A 93 17.64 -3.07 5.97
N GLY A 94 18.52 -2.48 6.79
CA GLY A 94 19.38 -3.29 7.63
C GLY A 94 18.62 -4.15 8.61
N GLN A 95 17.58 -3.58 9.24
CA GLN A 95 16.74 -4.35 10.15
C GLN A 95 15.96 -5.43 9.40
N LEU A 96 15.45 -5.10 8.22
CA LEU A 96 14.75 -6.11 7.43
C LEU A 96 15.69 -7.24 7.04
N TYR A 97 16.93 -6.89 6.70
CA TYR A 97 17.91 -7.90 6.35
C TYR A 97 18.20 -8.81 7.55
N GLN A 98 18.39 -8.22 8.74
CA GLN A 98 18.65 -9.01 9.94
C GLN A 98 17.59 -10.08 10.12
N GLU A 99 16.32 -9.71 9.94
CA GLU A 99 15.26 -10.65 10.23
C GLU A 99 15.02 -11.65 9.10
N HIS A 100 15.22 -11.24 7.85
CA HIS A 100 14.71 -12.02 6.73
C HIS A 100 15.75 -12.55 5.77
N HIS A 101 17.04 -12.26 5.95
CA HIS A 101 18.01 -12.73 4.95
C HIS A 101 17.98 -14.26 4.88
N GLU A 102 18.29 -14.77 3.69
CA GLU A 102 18.38 -16.21 3.48
C GLU A 102 19.80 -16.70 3.75
N GLU A 103 19.99 -18.00 3.55
CA GLU A 103 21.27 -18.65 3.84
C GLU A 103 22.30 -18.47 2.73
N ASP A 104 21.95 -17.80 1.65
CA ASP A 104 22.96 -17.30 0.71
C ASP A 104 23.40 -15.89 1.06
N PHE A 105 22.86 -15.32 2.13
CA PHE A 105 23.17 -13.99 2.63
C PHE A 105 22.54 -12.88 1.80
N PHE A 106 21.58 -13.22 0.94
CA PHE A 106 20.79 -12.22 0.24
C PHE A 106 19.44 -12.05 0.93
N LEU A 107 18.84 -10.89 0.69
CA LEU A 107 17.45 -10.62 1.07
C LEU A 107 16.63 -10.63 -0.21
N TYR A 108 15.49 -11.34 -0.20
CA TYR A 108 14.65 -11.48 -1.39
C TYR A 108 13.35 -10.71 -1.18
N ILE A 109 13.07 -9.78 -2.08
CA ILE A 109 11.84 -8.99 -1.99
C ILE A 109 11.12 -9.07 -3.33
N ALA A 110 9.80 -9.27 -3.27
CA ALA A 110 8.99 -9.28 -4.48
C ALA A 110 8.10 -8.05 -4.50
N TYR A 111 7.74 -7.59 -5.71
CA TYR A 111 6.79 -6.50 -5.82
C TYR A 111 5.59 -6.87 -6.68
N SER A 112 4.47 -6.19 -6.43
CA SER A 112 3.26 -6.45 -7.20
C SER A 112 2.38 -5.22 -7.17
N ASP A 113 1.50 -5.13 -8.18
N ASP A 113 1.49 -5.13 -8.17
CA ASP A 113 0.44 -4.13 -8.15
CA ASP A 113 0.45 -4.12 -8.13
C ASP A 113 -0.68 -4.51 -7.19
C ASP A 113 -0.76 -4.56 -7.31
N GLU A 114 -0.73 -5.76 -6.75
CA GLU A 114 -1.77 -6.25 -5.85
C GLU A 114 -1.23 -6.38 -4.43
N SER A 115 -2.12 -6.12 -3.48
CA SER A 115 -1.82 -6.26 -2.06
C SER A 115 -1.72 -7.71 -1.62
N VAL A 116 -2.11 -8.67 -2.46
CA VAL A 116 -1.93 -10.09 -2.19
C VAL A 116 -0.93 -10.62 -3.21
N TYR A 117 0.11 -11.30 -2.70
CA TYR A 117 1.21 -11.74 -3.55
C TYR A 117 0.72 -12.63 -4.69
N GLY A 118 -0.02 -13.67 -4.37
CA GLY A 118 -0.51 -14.58 -5.39
C GLY A 118 -1.84 -14.16 -5.97
N LEU A 119 -1.89 -13.00 -6.61
CA LEU A 119 -3.14 -12.52 -7.20
C LEU A 119 -2.91 -11.65 -8.44
N LEU B 1 28.36 -1.55 -9.39
CA LEU B 1 29.52 -2.00 -8.64
C LEU B 1 29.95 -3.38 -9.13
N GLU B 2 30.66 -4.12 -8.29
CA GLU B 2 31.22 -5.38 -8.73
C GLU B 2 30.12 -6.45 -8.82
N ASP B 3 30.30 -7.38 -9.77
CA ASP B 3 29.48 -8.58 -9.93
C ASP B 3 28.05 -8.29 -10.40
N GLY B 4 27.82 -7.18 -11.10
CA GLY B 4 26.49 -6.87 -11.60
C GLY B 4 25.58 -6.19 -10.60
N TRP B 5 26.07 -5.82 -9.44
CA TRP B 5 25.25 -5.17 -8.43
C TRP B 5 25.11 -3.68 -8.73
N VAL B 6 23.91 -3.16 -8.49
CA VAL B 6 23.60 -1.75 -8.68
C VAL B 6 23.46 -1.12 -7.29
N ASP B 7 24.23 -0.06 -7.04
CA ASP B 7 24.00 0.74 -5.84
C ASP B 7 22.72 1.51 -6.04
N ILE B 8 21.73 1.27 -5.15
N ILE B 8 21.74 1.28 -5.15
CA ILE B 8 20.36 1.67 -5.48
CA ILE B 8 20.35 1.67 -5.43
C ILE B 8 20.16 3.19 -5.49
C ILE B 8 20.19 3.19 -5.51
N GLU B 9 20.84 3.93 -4.62
CA GLU B 9 20.60 5.37 -4.57
C GLU B 9 21.29 6.12 -5.70
N THR B 10 22.51 5.72 -6.07
CA THR B 10 23.28 6.43 -7.07
C THR B 10 23.20 5.78 -8.45
N GLY B 11 22.78 4.52 -8.51
CA GLY B 11 22.77 3.82 -9.78
C GLY B 11 24.13 3.34 -10.23
N LYS B 12 25.15 3.47 -9.40
CA LYS B 12 26.49 3.01 -9.77
C LYS B 12 26.48 1.51 -9.90
N GLU B 13 26.99 1.01 -11.02
CA GLU B 13 27.19 -0.42 -11.18
C GLU B 13 28.48 -0.79 -10.47
N GLY C 1 -8.99 -7.97 14.78
CA GLY C 1 -9.11 -7.02 15.86
C GLY C 1 -10.22 -6.02 15.63
N SER C 2 -10.52 -5.22 16.65
CA SER C 2 -11.53 -4.18 16.51
C SER C 2 -10.95 -2.99 15.76
N MET C 3 -11.75 -2.40 14.88
CA MET C 3 -11.35 -1.21 14.16
C MET C 3 -12.18 -0.03 14.64
N LYS C 4 -11.50 0.97 15.19
CA LYS C 4 -12.13 2.08 15.88
C LYS C 4 -12.22 3.26 14.93
N PHE C 5 -13.42 3.82 14.81
CA PHE C 5 -13.63 5.03 14.03
C PHE C 5 -14.21 6.11 14.92
N VAL C 6 -13.54 7.27 14.94
CA VAL C 6 -14.00 8.41 15.72
C VAL C 6 -15.43 8.78 15.32
N TYR C 7 -15.73 8.74 14.02
CA TYR C 7 -17.06 9.11 13.54
C TYR C 7 -18.13 8.26 14.21
N LYS C 8 -17.86 6.97 14.41
CA LYS C 8 -18.84 6.09 15.03
C LYS C 8 -19.04 6.40 16.50
N GLU C 9 -18.02 6.93 17.17
CA GLU C 9 -18.16 7.29 18.57
C GLU C 9 -18.69 8.69 18.78
N GLU C 10 -18.56 9.56 17.78
N GLU C 10 -18.54 9.57 17.79
CA GLU C 10 -19.09 10.92 17.86
CA GLU C 10 -19.10 10.92 17.89
C GLU C 10 -20.57 10.96 17.56
C GLU C 10 -20.59 10.94 17.62
N HIS C 11 -21.08 10.01 16.78
CA HIS C 11 -22.46 10.04 16.34
C HIS C 11 -23.14 8.72 16.66
N PRO C 12 -24.28 8.74 17.35
CA PRO C 12 -25.00 7.49 17.60
C PRO C 12 -25.36 6.80 16.30
N PHE C 13 -25.37 5.47 16.35
CA PHE C 13 -25.69 4.66 15.18
C PHE C 13 -26.97 5.11 14.49
N GLU C 14 -28.03 5.35 15.24
N GLU C 14 -28.03 5.35 15.25
CA GLU C 14 -29.28 5.69 14.58
CA GLU C 14 -29.29 5.70 14.61
C GLU C 14 -29.18 7.02 13.85
C GLU C 14 -29.19 7.03 13.86
N LYS C 15 -28.38 7.97 14.35
CA LYS C 15 -28.16 9.20 13.62
C LYS C 15 -27.34 8.96 12.36
N ARG C 16 -26.32 8.10 12.44
CA ARG C 16 -25.55 7.76 11.25
C ARG C 16 -26.42 7.07 10.21
N ARG C 17 -27.30 6.17 10.65
CA ARG C 17 -28.14 5.45 9.68
C ARG C 17 -29.14 6.38 9.02
N SER C 18 -29.68 7.35 9.79
CA SER C 18 -30.54 8.36 9.17
C SER C 18 -29.79 9.14 8.09
N GLU C 19 -28.55 9.54 8.39
CA GLU C 19 -27.73 10.21 7.38
C GLU C 19 -27.42 9.27 6.20
N GLY C 20 -27.07 8.03 6.48
CA GLY C 20 -26.85 7.07 5.41
C GLY C 20 -28.06 6.90 4.51
N GLU C 21 -29.26 6.84 5.11
CA GLU C 21 -30.48 6.76 4.31
C GLU C 21 -30.57 7.96 3.35
N LYS C 22 -30.35 9.17 3.87
CA LYS C 22 -30.50 10.35 3.02
C LYS C 22 -29.48 10.33 1.89
N ILE C 23 -28.24 9.96 2.20
CA ILE C 23 -27.18 9.97 1.20
C ILE C 23 -27.42 8.89 0.13
N ARG C 24 -27.79 7.68 0.55
CA ARG C 24 -28.09 6.61 -0.41
C ARG C 24 -29.27 6.97 -1.29
N LYS C 25 -30.32 7.57 -0.73
CA LYS C 25 -31.49 7.88 -1.55
C LYS C 25 -31.11 8.79 -2.70
N LYS C 26 -30.31 9.82 -2.44
CA LYS C 26 -30.00 10.81 -3.45
C LYS C 26 -28.89 10.36 -4.40
N TYR C 27 -27.96 9.53 -3.93
CA TYR C 27 -26.77 9.16 -4.71
C TYR C 27 -26.61 7.65 -4.79
N PRO C 28 -27.56 6.95 -5.42
CA PRO C 28 -27.46 5.48 -5.46
C PRO C 28 -26.25 4.98 -6.23
N ASP C 29 -25.72 5.81 -7.13
CA ASP C 29 -24.58 5.49 -8.00
C ASP C 29 -23.24 5.88 -7.39
N ARG C 30 -23.23 6.35 -6.16
N ARG C 30 -23.22 6.34 -6.15
CA ARG C 30 -22.03 6.76 -5.45
CA ARG C 30 -22.00 6.66 -5.44
C ARG C 30 -21.92 5.97 -4.15
C ARG C 30 -22.04 5.92 -4.11
N VAL C 31 -20.69 5.65 -3.78
N VAL C 31 -20.97 5.21 -3.77
CA VAL C 31 -20.40 4.90 -2.56
CA VAL C 31 -20.92 4.60 -2.44
C VAL C 31 -20.07 5.91 -1.46
C VAL C 31 -20.33 5.62 -1.47
N PRO C 32 -20.80 5.91 -0.34
N PRO C 32 -20.94 5.80 -0.29
CA PRO C 32 -20.45 6.80 0.77
CA PRO C 32 -20.41 6.75 0.69
C PRO C 32 -19.40 6.19 1.69
C PRO C 32 -19.35 6.11 1.58
N VAL C 33 -18.20 6.75 1.68
CA VAL C 33 -17.05 6.21 2.41
C VAL C 33 -16.63 7.19 3.49
N ILE C 34 -16.43 6.68 4.71
CA ILE C 34 -15.85 7.43 5.82
C ILE C 34 -14.40 6.97 5.92
N VAL C 35 -13.46 7.90 5.82
CA VAL C 35 -12.03 7.57 5.77
C VAL C 35 -11.34 8.20 6.98
N GLU C 36 -10.63 7.37 7.75
CA GLU C 36 -9.96 7.86 8.94
C GLU C 36 -8.62 7.19 9.13
N LYS C 37 -7.73 7.89 9.82
N LYS C 37 -7.72 7.89 9.81
CA LYS C 37 -6.42 7.36 10.14
CA LYS C 37 -6.42 7.35 10.14
C LYS C 37 -6.55 6.23 11.16
C LYS C 37 -6.57 6.21 11.14
N ALA C 38 -5.77 5.16 10.96
CA ALA C 38 -5.70 4.11 11.95
C ALA C 38 -5.10 4.67 13.24
N PRO C 39 -5.51 4.16 14.40
CA PRO C 39 -4.85 4.57 15.64
C PRO C 39 -3.38 4.25 15.58
N LYS C 40 -2.59 5.12 16.20
CA LYS C 40 -1.13 5.00 16.24
C LYS C 40 -0.44 5.29 14.91
N ALA C 41 -1.19 5.47 13.83
CA ALA C 41 -0.54 5.73 12.54
C ALA C 41 0.20 7.07 12.59
N ARG C 42 1.46 7.05 12.16
CA ARG C 42 2.27 8.27 12.07
C ARG C 42 2.07 8.84 10.67
N ILE C 43 0.97 9.57 10.50
CA ILE C 43 0.58 10.09 9.20
C ILE C 43 -0.40 11.22 9.45
N GLY C 44 -0.59 12.07 8.44
CA GLY C 44 -1.47 13.20 8.59
C GLY C 44 -2.94 12.82 8.50
N ASP C 45 -3.78 13.71 9.00
CA ASP C 45 -5.22 13.56 8.91
C ASP C 45 -5.73 14.13 7.60
N LEU C 46 -6.86 13.62 7.15
CA LEU C 46 -7.56 14.22 6.03
C LEU C 46 -8.30 15.47 6.51
N ASP C 47 -8.45 16.43 5.61
CA ASP C 47 -9.24 17.60 5.96
C ASP C 47 -10.72 17.27 6.03
N LYS C 48 -11.22 16.51 5.05
CA LYS C 48 -12.58 16.02 5.04
C LYS C 48 -12.53 14.50 5.14
N LYS C 49 -13.46 13.90 5.86
CA LYS C 49 -13.43 12.45 6.04
C LYS C 49 -14.58 11.72 5.35
N LYS C 50 -15.52 12.43 4.75
CA LYS C 50 -16.72 11.82 4.17
C LYS C 50 -16.69 12.06 2.66
N TYR C 51 -16.65 10.97 1.89
CA TYR C 51 -16.48 11.05 0.44
C TYR C 51 -17.56 10.26 -0.29
N LEU C 52 -18.09 10.84 -1.36
CA LEU C 52 -18.91 10.09 -2.31
C LEU C 52 -17.99 9.63 -3.43
N VAL C 53 -17.98 8.32 -3.68
N VAL C 53 -17.90 8.32 -3.64
CA VAL C 53 -16.98 7.69 -4.54
CA VAL C 53 -16.95 7.82 -4.62
C VAL C 53 -17.71 6.96 -5.66
C VAL C 53 -17.68 6.99 -5.66
N PRO C 54 -17.27 7.06 -6.93
CA PRO C 54 -17.93 6.27 -7.97
C PRO C 54 -17.84 4.79 -7.67
N SER C 55 -18.92 4.06 -7.96
N SER C 55 -18.93 4.07 -7.95
CA SER C 55 -18.95 2.64 -7.62
CA SER C 55 -18.98 2.65 -7.64
C SER C 55 -17.98 1.82 -8.46
C SER C 55 -17.95 1.85 -8.45
N ASP C 56 -17.73 2.24 -9.69
CA ASP C 56 -16.79 1.55 -10.56
C ASP C 56 -15.35 2.04 -10.44
N LEU C 57 -15.07 2.95 -9.52
CA LEU C 57 -13.69 3.35 -9.27
C LEU C 57 -12.95 2.20 -8.62
N THR C 58 -11.71 1.94 -9.07
CA THR C 58 -10.99 0.84 -8.47
C THR C 58 -10.35 1.26 -7.15
N VAL C 59 -10.06 0.26 -6.32
CA VAL C 59 -9.36 0.51 -5.07
C VAL C 59 -8.03 1.20 -5.36
N GLY C 60 -7.33 0.75 -6.39
CA GLY C 60 -6.06 1.40 -6.72
C GLY C 60 -6.23 2.87 -7.08
N GLN C 61 -7.28 3.21 -7.82
CA GLN C 61 -7.53 4.61 -8.14
C GLN C 61 -7.91 5.39 -6.90
N PHE C 62 -8.67 4.76 -6.00
CA PHE C 62 -9.00 5.41 -4.74
C PHE C 62 -7.76 5.70 -3.91
N TYR C 63 -6.78 4.78 -3.90
N TYR C 63 -6.80 4.76 -3.90
CA TYR C 63 -5.53 5.00 -3.18
CA TYR C 63 -5.53 4.96 -3.20
C TYR C 63 -4.87 6.29 -3.65
C TYR C 63 -4.87 6.25 -3.64
N PHE C 64 -4.80 6.46 -4.96
CA PHE C 64 -4.12 7.62 -5.52
C PHE C 64 -4.82 8.92 -5.15
N LEU C 65 -6.16 8.93 -5.20
CA LEU C 65 -6.90 10.14 -4.85
C LEU C 65 -6.73 10.51 -3.38
N ILE C 66 -6.77 9.52 -2.48
CA ILE C 66 -6.56 9.79 -1.06
C ILE C 66 -5.11 10.18 -0.80
N ARG C 67 -4.15 9.49 -1.43
CA ARG C 67 -2.75 9.85 -1.27
C ARG C 67 -2.52 11.34 -1.55
N LYS C 68 -3.18 11.86 -2.59
CA LYS C 68 -3.06 13.28 -2.91
C LYS C 68 -3.59 14.15 -1.79
N ARG C 69 -4.70 13.74 -1.16
N ARG C 69 -4.70 13.74 -1.16
CA ARG C 69 -5.35 14.56 -0.16
CA ARG C 69 -5.35 14.57 -0.15
C ARG C 69 -4.65 14.55 1.19
C ARG C 69 -4.63 14.56 1.19
N ILE C 70 -3.79 13.56 1.46
CA ILE C 70 -3.07 13.50 2.72
C ILE C 70 -1.65 14.02 2.60
N HIS C 71 -1.25 14.51 1.43
CA HIS C 71 0.01 15.21 1.24
C HIS C 71 1.22 14.34 1.59
N LEU C 72 1.23 13.11 1.09
CA LEU C 72 2.36 12.22 1.37
C LEU C 72 3.54 12.50 0.44
N ARG C 73 4.74 12.26 0.97
N ARG C 73 4.74 12.26 0.97
CA ARG C 73 5.94 12.21 0.13
CA ARG C 73 5.94 12.21 0.13
C ARG C 73 5.99 10.86 -0.59
C ARG C 73 6.01 10.87 -0.58
N ALA C 74 6.77 10.83 -1.68
CA ALA C 74 6.93 9.57 -2.40
C ALA C 74 7.51 8.47 -1.52
N GLU C 75 8.39 8.85 -0.59
N GLU C 75 8.39 8.85 -0.59
CA GLU C 75 9.02 7.90 0.33
CA GLU C 75 9.02 7.90 0.32
C GLU C 75 8.10 7.45 1.45
C GLU C 75 8.12 7.50 1.48
N ASP C 76 6.87 7.95 1.50
CA ASP C 76 5.91 7.59 2.53
C ASP C 76 4.99 6.51 1.99
N ALA C 77 4.82 5.43 2.75
CA ALA C 77 3.93 4.35 2.37
C ALA C 77 2.48 4.62 2.82
N LEU C 78 1.55 3.93 2.18
CA LEU C 78 0.14 4.10 2.48
C LEU C 78 -0.60 2.78 2.32
N PHE C 79 -1.35 2.38 3.36
CA PHE C 79 -2.12 1.16 3.33
C PHE C 79 -3.53 1.45 3.77
N PHE C 80 -4.50 0.78 3.14
N PHE C 80 -4.50 0.75 3.20
CA PHE C 80 -5.91 0.82 3.53
CA PHE C 80 -5.89 0.89 3.58
C PHE C 80 -6.29 -0.44 4.27
C PHE C 80 -6.41 -0.43 4.14
N PHE C 81 -7.31 -0.33 5.14
CA PHE C 81 -7.88 -1.48 5.82
C PHE C 81 -9.40 -1.32 5.84
N VAL C 82 -10.10 -2.40 5.52
N VAL C 82 -10.10 -2.38 5.44
CA VAL C 82 -11.54 -2.42 5.64
CA VAL C 82 -11.57 -2.40 5.39
C VAL C 82 -11.92 -3.68 6.39
C VAL C 82 -12.01 -3.67 6.07
N ASN C 83 -12.74 -3.53 7.42
N ASN C 83 -12.60 -3.54 7.25
CA ASN C 83 -13.13 -4.60 8.34
CA ASN C 83 -13.06 -4.69 8.04
C ASN C 83 -12.03 -5.65 8.47
C ASN C 83 -11.94 -5.69 8.26
N ASN C 84 -10.81 -5.19 8.76
CA ASN C 84 -9.65 -5.99 9.14
C ASN C 84 -8.84 -6.56 7.98
N VAL C 85 -9.08 -6.16 6.74
CA VAL C 85 -8.29 -6.69 5.64
C VAL C 85 -7.79 -5.55 4.75
N ILE C 86 -6.65 -5.77 4.11
CA ILE C 86 -6.21 -4.84 3.08
C ILE C 86 -6.95 -5.22 1.81
N PRO C 87 -7.75 -4.32 1.23
CA PRO C 87 -8.56 -4.70 0.07
C PRO C 87 -7.69 -4.90 -1.15
N PRO C 88 -8.11 -5.72 -2.11
CA PRO C 88 -7.34 -5.88 -3.34
C PRO C 88 -7.41 -4.61 -4.17
N THR C 89 -6.31 -4.29 -4.87
N THR C 89 -6.30 -4.34 -4.87
CA THR C 89 -6.29 -3.05 -5.62
CA THR C 89 -6.20 -3.15 -5.71
C THR C 89 -7.14 -3.12 -6.88
C THR C 89 -7.22 -3.17 -6.83
N SER C 90 -7.46 -4.33 -7.35
N SER C 90 -7.46 -4.35 -7.41
CA SER C 90 -8.30 -4.49 -8.53
CA SER C 90 -8.34 -4.46 -8.56
C SER C 90 -9.80 -4.47 -8.20
C SER C 90 -9.82 -4.47 -8.20
N ALA C 91 -10.15 -4.57 -6.93
CA ALA C 91 -11.56 -4.51 -6.55
C ALA C 91 -12.10 -3.13 -6.88
N THR C 92 -13.40 -3.05 -7.16
CA THR C 92 -14.03 -1.74 -7.27
C THR C 92 -14.54 -1.29 -5.90
N MET C 93 -14.69 0.02 -5.76
CA MET C 93 -15.26 0.55 -4.52
C MET C 93 -16.67 0.03 -4.28
N GLY C 94 -17.43 -0.21 -5.37
CA GLY C 94 -18.76 -0.79 -5.22
C GLY C 94 -18.73 -2.20 -4.69
N GLN C 95 -17.74 -2.99 -5.13
CA GLN C 95 -17.57 -4.34 -4.62
C GLN C 95 -17.21 -4.32 -3.14
N LEU C 96 -16.31 -3.42 -2.73
CA LEU C 96 -15.99 -3.29 -1.31
C LEU C 96 -17.24 -2.90 -0.54
N TYR C 97 -18.03 -1.98 -1.09
CA TYR C 97 -19.25 -1.56 -0.41
C TYR C 97 -20.22 -2.73 -0.23
N GLN C 98 -20.47 -3.49 -1.30
N GLN C 98 -20.43 -3.51 -1.29
CA GLN C 98 -21.36 -4.65 -1.21
CA GLN C 98 -21.35 -4.64 -1.23
C GLN C 98 -20.94 -5.56 -0.07
C GLN C 98 -20.95 -5.65 -0.17
N GLU C 99 -19.65 -5.83 0.04
CA GLU C 99 -19.17 -6.84 0.97
C GLU C 99 -18.92 -6.30 2.37
N HIS C 100 -18.65 -5.02 2.54
CA HIS C 100 -18.16 -4.51 3.81
C HIS C 100 -18.97 -3.37 4.42
N HIS C 101 -20.02 -2.88 3.76
CA HIS C 101 -20.72 -1.71 4.30
C HIS C 101 -21.28 -2.02 5.68
N GLU C 102 -21.32 -0.97 6.52
N GLU C 102 -21.35 -1.00 6.51
CA GLU C 102 -21.97 -0.98 7.82
CA GLU C 102 -22.02 -1.17 7.79
C GLU C 102 -23.48 -0.80 7.66
C GLU C 102 -23.51 -0.89 7.64
N GLU C 103 -24.23 -1.16 8.71
CA GLU C 103 -25.68 -1.03 8.70
C GLU C 103 -26.17 0.41 8.81
N ASP C 104 -25.27 1.36 8.90
CA ASP C 104 -25.63 2.76 8.67
C ASP C 104 -25.52 3.15 7.21
N PHE C 105 -25.15 2.20 6.35
CA PHE C 105 -25.04 2.34 4.88
C PHE C 105 -23.74 3.03 4.47
N PHE C 106 -22.80 3.19 5.39
CA PHE C 106 -21.49 3.73 5.06
C PHE C 106 -20.45 2.62 4.97
N LEU C 107 -19.43 2.85 4.14
CA LEU C 107 -18.25 2.00 4.09
C LEU C 107 -17.15 2.70 4.87
N TYR C 108 -16.58 2.01 5.86
CA TYR C 108 -15.52 2.57 6.70
C TYR C 108 -14.15 2.06 6.25
N ILE C 109 -13.24 2.98 5.94
CA ILE C 109 -11.89 2.61 5.51
C ILE C 109 -10.89 3.34 6.40
N ALA C 110 -9.97 2.58 6.99
CA ALA C 110 -8.86 3.16 7.76
C ALA C 110 -7.60 3.21 6.90
N TYR C 111 -6.74 4.18 7.17
CA TYR C 111 -5.47 4.25 6.45
C TYR C 111 -4.31 4.38 7.43
N SER C 112 -3.15 3.88 7.01
CA SER C 112 -1.98 3.92 7.88
C SER C 112 -0.72 4.00 7.03
N ASP C 113 0.36 4.45 7.68
CA ASP C 113 1.69 4.30 7.13
C ASP C 113 2.22 2.88 7.27
N GLU C 114 1.62 2.08 8.14
CA GLU C 114 2.10 0.72 8.40
C GLU C 114 1.15 -0.30 7.78
N SER C 115 1.72 -1.45 7.45
N SER C 115 1.71 -1.44 7.41
CA SER C 115 0.99 -2.52 6.78
CA SER C 115 0.90 -2.47 6.75
C SER C 115 0.18 -3.38 7.73
C SER C 115 0.04 -3.27 7.73
N VAL C 116 0.23 -3.09 9.04
CA VAL C 116 -0.56 -3.77 10.06
C VAL C 116 -1.38 -2.70 10.76
N TYR C 117 -2.69 -2.93 10.86
CA TYR C 117 -3.57 -1.93 11.42
C TYR C 117 -3.28 -1.72 12.90
N GLY C 118 -3.14 -0.45 13.31
CA GLY C 118 -2.91 -0.14 14.70
C GLY C 118 -1.54 -0.46 15.22
N LEU C 119 -0.59 -0.79 14.35
CA LEU C 119 0.79 -0.96 14.76
C LEU C 119 1.45 0.41 14.81
N LEU D 1 -20.91 18.63 -1.01
N LEU D 1 -20.64 18.16 -2.26
CA LEU D 1 -22.35 18.52 -1.14
CA LEU D 1 -21.95 17.90 -2.86
C LEU D 1 -23.02 18.55 0.23
C LEU D 1 -23.08 18.02 -1.85
N GLU D 2 -24.18 17.90 0.35
N GLU D 2 -22.74 17.88 -0.56
CA GLU D 2 -24.95 17.94 1.59
CA GLU D 2 -23.69 18.15 0.52
C GLU D 2 -24.17 17.31 2.74
C GLU D 2 -22.96 18.89 1.63
N ASP D 3 -24.42 17.80 3.95
N ASP D 3 -23.45 18.75 2.87
CA ASP D 3 -23.90 17.23 5.20
CA ASP D 3 -22.78 19.34 4.03
C ASP D 3 -22.37 17.20 5.26
C ASP D 3 -21.82 18.30 4.61
N GLY D 4 -21.69 18.04 4.48
N GLY D 4 -20.52 18.51 4.40
CA GLY D 4 -20.25 18.08 4.53
CA GLY D 4 -19.51 17.59 4.88
C GLY D 4 -19.54 16.99 3.75
C GLY D 4 -19.15 16.49 3.90
N TRP D 5 -20.25 16.31 2.85
N TRP D 5 -19.98 16.23 2.91
CA TRP D 5 -19.66 15.28 2.02
CA TRP D 5 -19.73 15.17 1.94
C TRP D 5 -18.91 15.87 0.84
C TRP D 5 -19.03 15.75 0.71
N VAL D 6 -17.90 15.16 0.35
CA VAL D 6 -17.06 15.63 -0.74
C VAL D 6 -17.10 14.59 -1.87
N ASP D 7 -17.37 15.06 -3.09
CA ASP D 7 -17.23 14.19 -4.25
C ASP D 7 -15.74 14.01 -4.52
N ILE D 8 -15.27 12.76 -4.52
N ILE D 8 -15.28 12.76 -4.51
CA ILE D 8 -13.83 12.53 -4.54
CA ILE D 8 -13.83 12.51 -4.54
C ILE D 8 -13.21 12.89 -5.88
C ILE D 8 -13.22 12.90 -5.88
N GLU D 9 -13.97 12.81 -6.97
CA GLU D 9 -13.43 13.11 -8.30
C GLU D 9 -13.27 14.62 -8.53
N THR D 10 -14.28 15.40 -8.15
CA THR D 10 -14.31 16.83 -8.42
C THR D 10 -13.79 17.67 -7.25
N GLY D 11 -13.82 17.13 -6.04
CA GLY D 11 -13.50 17.89 -4.85
C GLY D 11 -14.60 18.80 -4.38
N LYS D 12 -15.76 18.80 -5.04
CA LYS D 12 -16.86 19.67 -4.66
C LYS D 12 -17.58 19.10 -3.46
N GLU D 13 -17.99 19.98 -2.55
N GLU D 13 -17.99 19.97 -2.54
CA GLU D 13 -18.70 19.59 -1.34
CA GLU D 13 -18.83 19.53 -1.44
C GLU D 13 -20.21 19.62 -1.57
C GLU D 13 -20.25 19.40 -1.95
#